data_8WYW
#
_entry.id   8WYW
#
_cell.length_a   39.719
_cell.length_b   39.602
_cell.length_c   88.355
_cell.angle_alpha   90.034
_cell.angle_beta   90.027
_cell.angle_gamma   94.811
#
_symmetry.space_group_name_H-M   'P 1'
#
loop_
_entity.id
_entity.type
_entity.pdbx_description
1 polymer 'Tyrosine-protein kinase SYK'
2 non-polymer SKI-O-592
3 non-polymer GLYCEROL
4 water water
#
_entity_poly.entity_id   1
_entity_poly.type   'polypeptide(L)'
_entity_poly.pdbx_seq_one_letter_code
;MALEEIRPKEVYLDRKLLTLEDKELGSGNFGTVKKGYYQMKKVVKTVAVKILKNEANDPALKDELLAEANVMQQLDNPYI
VRMIGICEAESWMLVMEMAELGPLNKYLQQNRHVKDKNIIELVHQVSMGMKYLEESNFVHRDLAARNVLLVTQHYAKISD
FGLSKALRADENYYKAQTHGKWPVKWYAPECINYYKFSSKSDVWSFGVLMWEAFSYGQKPYRGMKGSEVTAMLEKGERMG
CPAGCPREMYDLMNLCWTYDVENRPGFAAVELRLRNYYYDVVNLEHHHHHHHH
;
_entity_poly.pdbx_strand_id   A,B
#
# COMPACT_ATOMS: atom_id res chain seq x y z
N TYR A 12 42.87 2.46 -11.01
CA TYR A 12 43.26 1.06 -10.80
C TYR A 12 44.42 0.97 -9.82
N LEU A 13 44.32 0.03 -8.89
CA LEU A 13 45.30 -0.05 -7.81
C LEU A 13 46.44 -1.00 -8.17
N ASP A 14 47.55 -0.82 -7.48
CA ASP A 14 48.77 -1.61 -7.68
C ASP A 14 48.72 -2.80 -6.74
N ARG A 15 48.57 -4.01 -7.30
CA ARG A 15 48.53 -5.22 -6.47
C ARG A 15 49.74 -5.32 -5.54
N LYS A 16 50.85 -4.68 -5.91
CA LYS A 16 52.05 -4.74 -5.09
C LYS A 16 51.89 -3.94 -3.80
N LEU A 17 51.04 -2.92 -3.80
CA LEU A 17 50.82 -2.08 -2.63
C LEU A 17 49.72 -2.63 -1.73
N LEU A 18 49.22 -3.83 -2.02
CA LEU A 18 48.09 -4.40 -1.30
C LEU A 18 48.50 -5.72 -0.68
N THR A 19 48.28 -5.84 0.62
CA THR A 19 48.48 -7.09 1.34
C THR A 19 47.11 -7.61 1.76
N LEU A 20 46.85 -8.89 1.52
CA LEU A 20 45.60 -9.51 1.92
C LEU A 20 45.86 -10.55 3.01
N GLU A 21 45.00 -10.56 4.03
CA GLU A 21 45.02 -11.63 5.02
C GLU A 21 44.38 -12.87 4.44
N ASP A 22 45.02 -14.02 4.71
CA ASP A 22 44.56 -15.27 4.09
C ASP A 22 43.15 -15.66 4.54
N LYS A 23 42.87 -15.55 5.84
CA LYS A 23 41.55 -15.93 6.35
C LYS A 23 40.51 -14.89 5.95
N GLU A 24 39.56 -15.31 5.12
CA GLU A 24 38.49 -14.42 4.67
C GLU A 24 37.66 -13.92 5.85
N LEU A 25 37.08 -12.73 5.67
CA LEU A 25 36.10 -12.21 6.62
C LEU A 25 34.75 -12.87 6.44
N GLY A 26 34.49 -13.41 5.26
CA GLY A 26 33.22 -14.04 4.95
C GLY A 26 33.17 -14.29 3.46
N SER A 27 32.04 -14.82 3.02
CA SER A 27 31.85 -15.13 1.61
C SER A 27 30.41 -14.85 1.22
N GLY A 28 30.19 -14.79 -0.09
CA GLY A 28 28.86 -14.64 -0.65
C GLY A 28 28.73 -15.38 -1.97
N ASN A 29 27.66 -15.13 -2.71
CA ASN A 29 27.50 -15.75 -4.03
C ASN A 29 28.63 -15.35 -4.97
N PHE A 30 29.23 -14.17 -4.75
CA PHE A 30 30.20 -13.58 -5.66
C PHE A 30 31.62 -14.07 -5.42
N GLY A 31 31.89 -14.63 -4.25
CA GLY A 31 33.25 -14.88 -3.85
C GLY A 31 33.47 -14.51 -2.40
N THR A 32 34.54 -13.76 -2.13
CA THR A 32 35.09 -13.61 -0.79
C THR A 32 35.26 -12.14 -0.41
N VAL A 33 35.19 -11.87 0.88
CA VAL A 33 35.58 -10.59 1.45
C VAL A 33 36.80 -10.82 2.33
N LYS A 34 37.87 -10.09 2.08
CA LYS A 34 39.10 -10.24 2.84
C LYS A 34 39.53 -8.93 3.46
N LYS A 35 40.16 -9.03 4.61
CA LYS A 35 40.81 -7.87 5.20
C LYS A 35 42.14 -7.65 4.51
N GLY A 36 42.54 -6.38 4.42
CA GLY A 36 43.77 -6.05 3.75
C GLY A 36 44.35 -4.74 4.24
N TYR A 37 45.55 -4.45 3.76
CA TYR A 37 46.26 -3.23 4.08
C TYR A 37 46.77 -2.66 2.77
N TYR A 38 46.46 -1.40 2.49
CA TYR A 38 46.88 -0.75 1.25
C TYR A 38 47.76 0.45 1.55
N GLN A 39 48.95 0.46 0.95
CA GLN A 39 49.88 1.56 1.15
C GLN A 39 49.42 2.81 0.40
N MET A 40 49.27 3.93 1.12
CA MET A 40 48.78 5.16 0.55
C MET A 40 49.69 6.32 0.90
N LYS A 41 50.23 6.98 -0.12
CA LYS A 41 51.05 8.18 0.03
C LYS A 41 52.09 8.01 1.13
N LYS A 42 51.68 8.07 2.40
CA LYS A 42 52.59 7.75 3.49
C LYS A 42 52.11 6.63 4.40
N VAL A 43 50.90 6.72 4.94
CA VAL A 43 50.41 5.73 5.88
C VAL A 43 49.88 4.53 5.11
N VAL A 44 49.66 3.42 5.79
CA VAL A 44 48.90 2.32 5.22
C VAL A 44 47.48 2.42 5.76
N LYS A 45 46.51 1.99 4.96
CA LYS A 45 45.12 2.08 5.34
C LYS A 45 44.49 0.70 5.33
N THR A 46 43.72 0.41 6.38
CA THR A 46 43.07 -0.90 6.49
C THR A 46 41.88 -0.92 5.54
N VAL A 47 41.81 -1.97 4.71
CA VAL A 47 40.79 -2.08 3.69
C VAL A 47 40.05 -3.41 3.80
N ALA A 48 38.82 -3.39 3.31
CA ALA A 48 38.00 -4.57 3.09
C ALA A 48 37.95 -4.78 1.58
N VAL A 49 38.23 -6.00 1.13
CA VAL A 49 38.43 -6.28 -0.29
C VAL A 49 37.43 -7.36 -0.72
N LYS A 50 36.58 -7.01 -1.68
CA LYS A 50 35.65 -7.95 -2.29
C LYS A 50 36.36 -8.62 -3.46
N ILE A 51 36.45 -9.95 -3.42
CA ILE A 51 37.25 -10.74 -4.36
C ILE A 51 36.32 -11.71 -5.09
N LEU A 52 36.29 -11.63 -6.42
CA LEU A 52 35.42 -12.50 -7.20
C LEU A 52 35.94 -13.94 -7.25
N LYS A 53 35.03 -14.89 -7.09
CA LYS A 53 35.36 -16.32 -7.11
C LYS A 53 35.90 -16.72 -8.48
N ASN A 54 36.66 -17.83 -8.48
CA ASN A 54 37.10 -18.54 -9.69
C ASN A 54 37.70 -17.58 -10.70
N GLU A 55 38.61 -16.73 -10.22
CA GLU A 55 39.35 -15.76 -11.05
C GLU A 55 38.43 -14.86 -11.87
N ALA A 56 37.18 -14.73 -11.44
CA ALA A 56 36.17 -13.86 -12.08
C ALA A 56 35.81 -14.37 -13.47
N ASN A 57 35.74 -15.70 -13.63
CA ASN A 57 35.37 -16.25 -14.94
C ASN A 57 33.94 -15.90 -15.33
N ASP A 58 33.05 -15.79 -14.35
CA ASP A 58 31.65 -15.42 -14.55
C ASP A 58 31.52 -13.97 -15.02
N PRO A 59 31.11 -13.73 -16.28
CA PRO A 59 30.97 -12.33 -16.73
C PRO A 59 29.91 -11.56 -15.95
N ALA A 60 28.88 -12.23 -15.42
CA ALA A 60 27.87 -11.55 -14.61
C ALA A 60 28.49 -10.96 -13.35
N LEU A 61 29.42 -11.70 -12.72
CA LEU A 61 30.13 -11.16 -11.55
C LEU A 61 31.06 -10.03 -11.95
N LYS A 62 31.72 -10.15 -13.12
CA LYS A 62 32.61 -9.09 -13.58
C LYS A 62 31.84 -7.81 -13.89
N ASP A 63 30.70 -7.95 -14.57
CA ASP A 63 29.83 -6.80 -14.83
C ASP A 63 29.40 -6.13 -13.53
N GLU A 64 28.95 -6.93 -12.56
CA GLU A 64 28.43 -6.39 -11.30
C GLU A 64 29.50 -5.60 -10.56
N LEU A 65 30.71 -6.14 -10.47
CA LEU A 65 31.79 -5.45 -9.78
C LEU A 65 32.14 -4.13 -10.47
N LEU A 66 32.20 -4.12 -11.80
CA LEU A 66 32.54 -2.91 -12.53
C LEU A 66 31.47 -1.84 -12.38
N ALA A 67 30.19 -2.24 -12.41
CA ALA A 67 29.10 -1.29 -12.19
C ALA A 67 29.08 -0.80 -10.75
N GLU A 68 29.30 -1.72 -9.81
CA GLU A 68 29.51 -1.38 -8.41
C GLU A 68 30.54 -0.27 -8.25
N ALA A 69 31.73 -0.48 -8.81
CA ALA A 69 32.82 0.50 -8.66
C ALA A 69 32.45 1.83 -9.31
N ASN A 70 31.84 1.78 -10.49
CA ASN A 70 31.45 2.99 -11.21
C ASN A 70 30.51 3.86 -10.38
N VAL A 71 29.64 3.23 -9.60
CA VAL A 71 28.69 3.96 -8.76
C VAL A 71 29.40 4.53 -7.54
N MET A 72 30.19 3.71 -6.86
CA MET A 72 30.86 4.16 -5.66
C MET A 72 31.84 5.29 -5.96
N GLN A 73 32.48 5.26 -7.13
CA GLN A 73 33.41 6.33 -7.52
C GLN A 73 32.72 7.70 -7.56
N GLN A 74 31.41 7.73 -7.78
CA GLN A 74 30.68 9.00 -7.87
C GLN A 74 30.13 9.49 -6.53
N LEU A 75 30.12 8.66 -5.49
CA LEU A 75 29.47 9.00 -4.24
C LEU A 75 30.49 9.50 -3.24
N ASP A 76 30.10 10.52 -2.47
CA ASP A 76 30.96 11.09 -1.44
C ASP A 76 30.05 11.54 -0.31
N ASN A 77 29.97 10.75 0.76
CA ASN A 77 29.05 11.03 1.86
C ASN A 77 29.52 10.23 3.07
N PRO A 78 29.43 10.80 4.28
CA PRO A 78 29.96 10.10 5.47
C PRO A 78 29.27 8.79 5.79
N TYR A 79 28.07 8.54 5.27
CA TYR A 79 27.32 7.35 5.62
C TYR A 79 27.26 6.36 4.45
N ILE A 80 28.18 6.50 3.50
CA ILE A 80 28.39 5.56 2.40
C ILE A 80 29.83 5.07 2.49
N VAL A 81 30.03 3.75 2.29
CA VAL A 81 31.38 3.20 2.25
C VAL A 81 32.17 3.81 1.09
N ARG A 82 33.41 4.20 1.37
CA ARG A 82 34.29 4.79 0.36
C ARG A 82 35.04 3.68 -0.37
N MET A 83 35.12 3.79 -1.68
CA MET A 83 35.90 2.86 -2.45
C MET A 83 37.31 3.41 -2.61
N ILE A 84 38.31 2.58 -2.33
CA ILE A 84 39.69 2.98 -2.62
C ILE A 84 40.00 2.79 -4.10
N GLY A 85 39.63 1.62 -4.63
CA GLY A 85 39.82 1.35 -6.04
C GLY A 85 39.55 -0.11 -6.35
N ILE A 86 39.91 -0.47 -7.57
CA ILE A 86 39.70 -1.81 -8.09
C ILE A 86 41.06 -2.36 -8.49
N CYS A 87 41.26 -3.66 -8.29
CA CYS A 87 42.54 -4.28 -8.61
C CYS A 87 42.30 -5.56 -9.41
N GLU A 88 43.00 -5.66 -10.54
CA GLU A 88 42.95 -6.83 -11.42
C GLU A 88 44.28 -7.58 -11.28
N ALA A 89 44.26 -8.70 -10.56
CA ALA A 89 45.42 -9.56 -10.36
C ALA A 89 45.01 -10.80 -9.59
N GLU A 90 45.19 -11.98 -10.20
CA GLU A 90 44.74 -13.28 -9.70
C GLU A 90 43.22 -13.38 -9.66
N SER A 91 42.53 -12.28 -9.41
CA SER A 91 41.09 -12.14 -9.68
C SER A 91 40.78 -10.65 -9.61
N TRP A 92 39.55 -10.30 -9.94
CA TRP A 92 39.13 -8.90 -9.84
C TRP A 92 38.74 -8.61 -8.40
N MET A 93 39.20 -7.46 -7.88
CA MET A 93 39.00 -7.10 -6.48
C MET A 93 38.53 -5.66 -6.37
N LEU A 94 37.60 -5.43 -5.44
CA LEU A 94 37.09 -4.10 -5.13
C LEU A 94 37.60 -3.71 -3.74
N VAL A 95 38.41 -2.66 -3.67
CA VAL A 95 39.09 -2.27 -2.43
C VAL A 95 38.33 -1.12 -1.79
N MET A 96 37.88 -1.33 -0.57
CA MET A 96 37.09 -0.31 0.14
C MET A 96 37.74 0.02 1.48
N GLU A 97 37.46 1.22 1.97
CA GLU A 97 37.85 1.55 3.35
C GLU A 97 37.17 0.61 4.33
N MET A 98 37.96 0.06 5.24
CA MET A 98 37.45 -0.96 6.16
C MET A 98 36.48 -0.37 7.17
N ALA A 99 35.29 -0.94 7.25
CA ALA A 99 34.34 -0.69 8.35
C ALA A 99 34.47 -1.89 9.30
N GLU A 100 35.13 -1.67 10.44
CA GLU A 100 35.73 -2.77 11.20
C GLU A 100 34.70 -3.74 11.76
N LEU A 101 33.54 -3.25 12.18
CA LEU A 101 32.60 -4.13 12.88
C LEU A 101 31.74 -4.99 11.95
N GLY A 102 31.68 -4.69 10.66
CA GLY A 102 31.06 -5.61 9.73
C GLY A 102 29.57 -5.40 9.55
N PRO A 103 28.91 -6.36 8.88
CA PRO A 103 27.48 -6.19 8.53
C PRO A 103 26.58 -6.01 9.74
N LEU A 104 25.58 -5.12 9.56
CA LEU A 104 24.71 -4.75 10.67
C LEU A 104 23.94 -5.95 11.21
N ASN A 105 23.44 -6.82 10.32
CA ASN A 105 22.59 -7.91 10.80
C ASN A 105 23.39 -8.90 11.64
N LYS A 106 24.60 -9.27 11.20
CA LYS A 106 25.40 -10.22 11.96
C LYS A 106 25.85 -9.62 13.28
N TYR A 107 26.15 -8.33 13.30
CA TYR A 107 26.57 -7.70 14.55
C TYR A 107 25.45 -7.69 15.58
N LEU A 108 24.22 -7.31 15.18
CA LEU A 108 23.13 -7.30 16.14
C LEU A 108 22.78 -8.71 16.60
N GLN A 109 22.92 -9.70 15.71
CA GLN A 109 22.68 -11.09 16.08
C GLN A 109 23.55 -11.51 17.27
N GLN A 110 24.79 -11.00 17.30
CA GLN A 110 25.76 -11.40 18.31
C GLN A 110 25.91 -10.37 19.42
N ASN A 111 25.02 -9.39 19.48
CA ASN A 111 25.09 -8.29 20.43
C ASN A 111 23.67 -7.86 20.80
N ARG A 112 22.91 -8.79 21.38
CA ARG A 112 21.52 -8.52 21.75
C ARG A 112 21.39 -7.41 22.78
N HIS A 113 22.50 -6.99 23.39
CA HIS A 113 22.50 -5.95 24.43
C HIS A 113 22.41 -4.54 23.87
N VAL A 114 22.59 -4.36 22.55
CA VAL A 114 22.52 -3.02 21.97
C VAL A 114 21.15 -2.41 22.29
N LYS A 115 21.15 -1.14 22.72
CA LYS A 115 19.92 -0.51 23.17
C LYS A 115 19.11 0.04 21.99
N ASP A 116 17.80 0.21 22.20
CA ASP A 116 16.96 0.71 21.12
C ASP A 116 17.39 2.13 20.71
N LYS A 117 17.78 2.98 21.66
CA LYS A 117 18.28 4.30 21.30
C LYS A 117 19.48 4.20 20.37
N ASN A 118 20.36 3.23 20.62
CA ASN A 118 21.51 2.95 19.76
C ASN A 118 21.04 2.55 18.35
N ILE A 119 20.03 1.68 18.28
CA ILE A 119 19.52 1.24 16.98
C ILE A 119 18.89 2.41 16.23
N ILE A 120 18.15 3.27 16.93
CA ILE A 120 17.57 4.45 16.28
C ILE A 120 18.68 5.28 15.62
N GLU A 121 19.78 5.46 16.34
CA GLU A 121 20.90 6.23 15.81
C GLU A 121 21.44 5.61 14.54
N LEU A 122 21.63 4.29 14.54
CA LEU A 122 22.20 3.63 13.37
C LEU A 122 21.27 3.68 12.16
N VAL A 123 19.98 3.38 12.35
CA VAL A 123 19.09 3.46 11.19
C VAL A 123 18.91 4.91 10.75
N HIS A 124 19.04 5.88 11.67
CA HIS A 124 18.97 7.28 11.24
C HIS A 124 20.13 7.62 10.33
N GLN A 125 21.33 7.08 10.62
CA GLN A 125 22.48 7.33 9.75
C GLN A 125 22.28 6.68 8.38
N VAL A 126 21.68 5.49 8.35
CA VAL A 126 21.30 4.91 7.06
C VAL A 126 20.39 5.85 6.30
N SER A 127 19.36 6.42 6.99
CA SER A 127 18.43 7.31 6.31
C SER A 127 19.12 8.55 5.77
N MET A 128 20.18 9.03 6.44
CA MET A 128 20.91 10.18 5.90
C MET A 128 21.73 9.78 4.68
N GLY A 129 22.40 8.63 4.74
CA GLY A 129 23.05 8.12 3.54
C GLY A 129 22.08 7.99 2.40
N MET A 130 20.87 7.47 2.67
CA MET A 130 19.88 7.27 1.62
C MET A 130 19.23 8.58 1.17
N LYS A 131 19.13 9.57 2.06
CA LYS A 131 18.70 10.90 1.62
C LYS A 131 19.69 11.46 0.61
N TYR A 132 20.98 11.34 0.91
CA TYR A 132 22.02 11.75 -0.03
C TYR A 132 21.87 11.02 -1.36
N LEU A 133 21.72 9.70 -1.32
CA LEU A 133 21.53 8.93 -2.56
C LEU A 133 20.28 9.38 -3.30
N GLU A 134 19.21 9.66 -2.56
CA GLU A 134 17.98 10.10 -3.20
C GLU A 134 18.16 11.47 -3.87
N GLU A 135 18.80 12.41 -3.19
CA GLU A 135 19.04 13.72 -3.79
C GLU A 135 20.01 13.64 -4.96
N SER A 136 20.89 12.64 -4.94
CA SER A 136 21.80 12.34 -6.04
C SER A 136 21.12 11.59 -7.17
N ASN A 137 19.86 11.19 -7.00
CA ASN A 137 19.08 10.47 -8.00
C ASN A 137 19.75 9.15 -8.37
N PHE A 138 20.26 8.45 -7.35
CA PHE A 138 20.65 7.05 -7.45
C PHE A 138 19.63 6.21 -6.68
N VAL A 139 19.27 5.04 -7.23
CA VAL A 139 18.49 4.07 -6.47
C VAL A 139 19.42 2.94 -6.05
N HIS A 140 19.29 2.49 -4.79
CA HIS A 140 20.20 1.47 -4.27
C HIS A 140 19.83 0.09 -4.77
N ARG A 141 18.57 -0.29 -4.56
CA ARG A 141 17.88 -1.50 -5.03
C ARG A 141 18.29 -2.75 -4.28
N ASP A 142 19.07 -2.63 -3.22
CA ASP A 142 19.41 -3.78 -2.38
C ASP A 142 19.61 -3.30 -0.95
N LEU A 143 18.68 -2.48 -0.44
CA LEU A 143 18.85 -1.87 0.87
C LEU A 143 18.35 -2.84 1.94
N ALA A 144 19.27 -3.60 2.53
CA ALA A 144 18.92 -4.58 3.56
C ALA A 144 19.94 -4.46 4.67
N ALA A 145 19.61 -4.99 5.85
CA ALA A 145 20.51 -4.86 6.99
C ALA A 145 21.89 -5.46 6.69
N ARG A 146 21.96 -6.50 5.86
CA ARG A 146 23.25 -7.12 5.54
C ARG A 146 24.16 -6.18 4.75
N ASN A 147 23.62 -5.13 4.14
CA ASN A 147 24.38 -4.19 3.31
C ASN A 147 24.68 -2.89 4.04
N VAL A 148 24.49 -2.86 5.36
CA VAL A 148 24.89 -1.76 6.22
C VAL A 148 26.13 -2.21 7.00
N LEU A 149 27.20 -1.43 6.93
CA LEU A 149 28.45 -1.78 7.59
C LEU A 149 28.65 -0.85 8.78
N LEU A 150 29.16 -1.40 9.88
CA LEU A 150 29.39 -0.64 11.10
C LEU A 150 30.86 -0.25 11.20
N VAL A 151 31.13 1.05 11.21
CA VAL A 151 32.46 1.56 11.52
C VAL A 151 32.73 1.45 13.02
N THR A 152 31.81 1.95 13.84
CA THR A 152 31.76 1.69 15.27
C THR A 152 30.35 1.25 15.61
N GLN A 153 30.10 0.95 16.88
CA GLN A 153 28.73 0.64 17.28
C GLN A 153 27.79 1.82 17.12
N HIS A 154 28.33 3.03 16.86
CA HIS A 154 27.55 4.25 16.70
C HIS A 154 27.79 4.92 15.35
N TYR A 155 28.28 4.19 14.35
CA TYR A 155 28.58 4.79 13.06
C TYR A 155 28.31 3.76 11.98
N ALA A 156 27.24 3.96 11.22
CA ALA A 156 26.82 3.03 10.18
C ALA A 156 27.08 3.64 8.81
N LYS A 157 27.39 2.78 7.84
CA LYS A 157 27.59 3.16 6.45
C LYS A 157 26.90 2.16 5.55
N ILE A 158 26.39 2.63 4.43
CA ILE A 158 25.78 1.81 3.38
C ILE A 158 26.86 1.32 2.44
N SER A 159 26.77 0.04 2.05
CA SER A 159 27.65 -0.47 0.99
C SER A 159 26.81 -1.26 -0.01
N ASP A 160 27.45 -2.05 -0.86
CA ASP A 160 26.83 -3.03 -1.76
C ASP A 160 25.97 -2.40 -2.85
N PHE A 161 26.62 -1.70 -3.77
CA PHE A 161 25.94 -0.99 -4.85
C PHE A 161 25.90 -1.79 -6.13
N GLY A 162 26.00 -3.11 -6.05
CA GLY A 162 25.99 -3.94 -7.25
C GLY A 162 24.74 -3.79 -8.10
N LEU A 163 23.60 -3.50 -7.47
CA LEU A 163 22.35 -3.35 -8.19
C LEU A 163 21.98 -1.88 -8.44
N SER A 164 22.80 -0.93 -7.98
CA SER A 164 22.39 0.46 -7.98
C SER A 164 22.40 1.03 -9.39
N LYS A 165 21.59 2.06 -9.59
CA LYS A 165 21.42 2.67 -10.90
C LYS A 165 21.32 4.18 -10.73
N ALA A 166 21.96 4.92 -11.62
CA ALA A 166 21.76 6.37 -11.69
C ALA A 166 20.51 6.64 -12.51
N LEU A 167 19.60 7.45 -11.98
CA LEU A 167 18.32 7.61 -12.65
C LEU A 167 18.46 8.52 -13.87
N ARG A 168 17.63 8.25 -14.88
CA ARG A 168 17.50 9.14 -16.02
C ARG A 168 17.03 10.51 -15.56
N ALA A 169 17.43 11.55 -16.29
CA ALA A 169 17.08 12.89 -15.82
C ALA A 169 15.60 13.19 -16.01
N ASP A 170 14.87 12.41 -16.82
CA ASP A 170 13.47 12.68 -17.08
C ASP A 170 12.52 11.73 -16.36
N GLU A 171 13.02 10.86 -15.49
CA GLU A 171 12.17 9.90 -14.79
C GLU A 171 12.68 9.72 -13.37
N ASN A 172 11.79 9.36 -12.45
CA ASN A 172 12.20 9.15 -11.08
C ASN A 172 12.27 7.66 -10.72
N TYR A 173 12.29 6.79 -11.73
CA TYR A 173 12.33 5.35 -11.50
C TYR A 173 13.18 4.70 -12.59
N TYR A 174 13.77 3.56 -12.22
CA TYR A 174 14.46 2.67 -13.16
C TYR A 174 13.56 1.48 -13.47
N LYS A 175 13.48 1.14 -14.75
CA LYS A 175 12.63 0.05 -15.22
C LYS A 175 13.55 -1.11 -15.58
N ALA A 176 13.48 -2.19 -14.81
CA ALA A 176 14.30 -3.37 -15.08
C ALA A 176 13.71 -4.18 -16.23
N PRO A 183 16.02 -10.16 -4.23
CA PRO A 183 15.70 -9.94 -2.82
C PRO A 183 14.25 -9.51 -2.61
N VAL A 184 13.33 -10.39 -3.00
CA VAL A 184 11.90 -10.06 -3.06
C VAL A 184 11.38 -9.62 -1.71
N LYS A 185 11.90 -10.20 -0.62
CA LYS A 185 11.38 -9.86 0.70
C LYS A 185 11.64 -8.40 1.07
N TRP A 186 12.52 -7.71 0.33
CA TRP A 186 12.80 -6.29 0.55
C TRP A 186 12.16 -5.39 -0.49
N TYR A 187 11.44 -5.95 -1.45
CA TYR A 187 11.00 -5.19 -2.62
C TYR A 187 9.58 -4.67 -2.44
N ALA A 188 9.35 -3.43 -2.88
CA ALA A 188 8.01 -2.85 -2.81
C ALA A 188 7.11 -3.48 -3.87
N PRO A 189 5.78 -3.32 -3.72
CA PRO A 189 4.85 -3.91 -4.70
C PRO A 189 5.12 -3.52 -6.14
N GLU A 190 5.39 -2.23 -6.39
CA GLU A 190 5.65 -1.79 -7.76
C GLU A 190 6.92 -2.40 -8.35
N CYS A 191 7.89 -2.79 -7.52
CA CYS A 191 9.04 -3.53 -8.04
C CYS A 191 8.63 -4.93 -8.48
N ILE A 192 7.86 -5.63 -7.65
CA ILE A 192 7.42 -6.97 -7.99
C ILE A 192 6.45 -6.94 -9.17
N ASN A 193 5.50 -6.00 -9.16
CA ASN A 193 4.43 -6.00 -10.15
C ASN A 193 4.86 -5.37 -11.47
N TYR A 194 5.68 -4.31 -11.42
CA TYR A 194 5.99 -3.53 -12.62
C TYR A 194 7.46 -3.34 -12.89
N TYR A 195 8.35 -3.92 -12.08
CA TYR A 195 9.79 -3.83 -12.28
C TYR A 195 10.27 -2.38 -12.25
N LYS A 196 9.61 -1.53 -11.46
CA LYS A 196 9.90 -0.11 -11.39
C LYS A 196 10.55 0.20 -10.05
N PHE A 197 11.78 0.69 -10.10
CA PHE A 197 12.59 0.95 -8.91
C PHE A 197 12.84 2.44 -8.75
N SER A 198 12.42 2.99 -7.61
CA SER A 198 12.57 4.41 -7.37
C SER A 198 13.18 4.58 -5.99
N SER A 199 13.49 5.84 -5.65
CA SER A 199 13.87 6.12 -4.27
C SER A 199 12.76 5.72 -3.31
N LYS A 200 11.49 5.84 -3.75
CA LYS A 200 10.36 5.38 -2.93
C LYS A 200 10.42 3.88 -2.70
N SER A 201 10.88 3.12 -3.70
CA SER A 201 11.00 1.68 -3.45
C SER A 201 12.14 1.39 -2.48
N ASP A 202 13.22 2.19 -2.50
CA ASP A 202 14.24 2.08 -1.45
C ASP A 202 13.66 2.38 -0.07
N VAL A 203 12.68 3.30 0.02
CA VAL A 203 12.05 3.57 1.31
C VAL A 203 11.33 2.34 1.85
N TRP A 204 10.61 1.62 0.97
CA TRP A 204 10.00 0.37 1.40
C TRP A 204 11.03 -0.58 1.97
N SER A 205 12.15 -0.76 1.25
CA SER A 205 13.21 -1.64 1.74
C SER A 205 13.76 -1.15 3.07
N PHE A 206 13.91 0.16 3.19
CA PHE A 206 14.36 0.72 4.46
C PHE A 206 13.45 0.30 5.61
N GLY A 207 12.14 0.21 5.36
CA GLY A 207 11.24 -0.24 6.41
C GLY A 207 11.57 -1.66 6.86
N VAL A 208 11.81 -2.56 5.90
CA VAL A 208 12.24 -3.91 6.21
C VAL A 208 13.58 -3.89 6.94
N LEU A 209 14.53 -3.09 6.45
CA LEU A 209 15.80 -2.94 7.16
C LEU A 209 15.59 -2.51 8.61
N MET A 210 14.71 -1.52 8.83
CA MET A 210 14.37 -1.13 10.20
C MET A 210 13.83 -2.31 11.00
N TRP A 211 12.91 -3.07 10.41
CA TRP A 211 12.39 -4.25 11.08
C TRP A 211 13.51 -5.23 11.43
N GLU A 212 14.44 -5.46 10.49
CA GLU A 212 15.57 -6.33 10.80
C GLU A 212 16.40 -5.77 11.96
N ALA A 213 16.65 -4.46 11.95
CA ALA A 213 17.50 -3.88 12.99
C ALA A 213 16.89 -4.08 14.37
N PHE A 214 15.60 -3.75 14.52
CA PHE A 214 14.95 -3.91 15.82
C PHE A 214 14.63 -5.35 16.15
N SER A 215 14.76 -6.28 15.20
CA SER A 215 14.66 -7.70 15.48
C SER A 215 16.03 -8.34 15.71
N TYR A 216 17.05 -7.52 15.95
CA TYR A 216 18.41 -7.97 16.23
C TYR A 216 18.89 -8.93 15.15
N GLY A 217 18.54 -8.60 13.91
CA GLY A 217 19.08 -9.31 12.78
C GLY A 217 18.35 -10.56 12.37
N GLN A 218 17.09 -10.73 12.78
CA GLN A 218 16.33 -11.85 12.25
C GLN A 218 15.96 -11.63 10.79
N LYS A 219 15.73 -12.72 10.07
CA LYS A 219 15.33 -12.56 8.68
C LYS A 219 13.85 -12.16 8.60
N PRO A 220 13.51 -11.29 7.66
CA PRO A 220 12.11 -10.91 7.49
C PRO A 220 11.32 -12.02 6.84
N TYR A 221 10.01 -12.03 7.14
CA TYR A 221 9.06 -12.99 6.58
C TYR A 221 9.59 -14.42 6.72
N ARG A 222 10.02 -14.75 7.94
CA ARG A 222 10.65 -16.04 8.20
C ARG A 222 9.74 -17.19 7.74
N GLY A 223 10.32 -18.11 6.98
CA GLY A 223 9.64 -19.31 6.56
C GLY A 223 8.67 -19.16 5.41
N MET A 224 8.62 -18.01 4.73
CA MET A 224 7.67 -17.78 3.66
C MET A 224 8.38 -17.75 2.32
N LYS A 225 7.72 -18.29 1.30
CA LYS A 225 8.16 -18.18 -0.08
C LYS A 225 7.86 -16.78 -0.62
N GLY A 226 8.53 -16.42 -1.72
CA GLY A 226 8.34 -15.12 -2.32
C GLY A 226 6.88 -14.85 -2.68
N SER A 227 6.25 -15.79 -3.38
CA SER A 227 4.84 -15.62 -3.75
C SER A 227 3.95 -15.44 -2.53
N GLU A 228 4.31 -16.07 -1.41
CA GLU A 228 3.49 -15.93 -0.21
C GLU A 228 3.65 -14.55 0.43
N VAL A 229 4.87 -14.02 0.46
CA VAL A 229 5.10 -12.63 0.88
C VAL A 229 4.25 -11.68 0.03
N THR A 230 4.31 -11.86 -1.29
CA THR A 230 3.60 -10.95 -2.19
C THR A 230 2.10 -10.97 -1.90
N ALA A 231 1.51 -12.16 -1.76
CA ALA A 231 0.07 -12.23 -1.48
C ALA A 231 -0.27 -11.60 -0.14
N MET A 232 0.57 -11.84 0.88
CA MET A 232 0.36 -11.25 2.20
C MET A 232 0.25 -9.73 2.11
N LEU A 233 1.20 -9.11 1.38
CA LEU A 233 1.21 -7.66 1.26
C LEU A 233 0.01 -7.17 0.46
N GLU A 234 -0.35 -7.90 -0.60
CA GLU A 234 -1.51 -7.50 -1.39
C GLU A 234 -2.81 -7.56 -0.58
N LYS A 235 -2.88 -8.48 0.41
CA LYS A 235 -4.02 -8.53 1.33
C LYS A 235 -4.03 -7.37 2.31
N GLY A 236 -2.97 -6.57 2.38
CA GLY A 236 -2.89 -5.52 3.36
C GLY A 236 -2.25 -5.91 4.68
N GLU A 237 -1.71 -7.12 4.80
CA GLU A 237 -1.07 -7.52 6.04
C GLU A 237 0.41 -7.13 6.01
N ARG A 238 0.99 -7.01 7.20
CA ARG A 238 2.37 -6.55 7.38
C ARG A 238 2.99 -7.33 8.53
N MET A 239 4.32 -7.39 8.52
CA MET A 239 5.04 -8.01 9.64
C MET A 239 4.67 -7.31 10.94
N GLY A 240 4.63 -8.10 12.03
CA GLY A 240 4.32 -7.56 13.33
C GLY A 240 5.47 -6.81 13.95
N CYS A 241 5.18 -6.21 15.09
CA CYS A 241 6.12 -5.34 15.77
C CYS A 241 7.19 -6.15 16.49
N PRO A 242 8.48 -5.88 16.27
CA PRO A 242 9.53 -6.64 16.96
C PRO A 242 9.46 -6.46 18.47
N ALA A 243 9.85 -7.51 19.19
CA ALA A 243 9.87 -7.46 20.65
C ALA A 243 10.74 -6.32 21.14
N GLY A 244 10.16 -5.49 22.01
CA GLY A 244 10.86 -4.34 22.54
C GLY A 244 11.03 -3.18 21.58
N CYS A 245 10.49 -3.26 20.38
CA CYS A 245 10.67 -2.17 19.43
C CYS A 245 9.85 -0.95 19.86
N PRO A 246 10.45 0.25 19.86
CA PRO A 246 9.68 1.45 20.20
C PRO A 246 8.48 1.60 19.28
N ARG A 247 7.33 1.95 19.86
CA ARG A 247 6.11 1.96 19.08
C ARG A 247 6.21 2.92 17.90
N GLU A 248 6.81 4.10 18.13
CA GLU A 248 6.95 5.08 17.06
C GLU A 248 7.80 4.53 15.92
N MET A 249 8.75 3.67 16.23
CA MET A 249 9.57 3.09 15.16
C MET A 249 8.78 2.06 14.37
N TYR A 250 7.93 1.29 15.04
CA TYR A 250 7.10 0.35 14.30
C TYR A 250 6.06 1.09 13.46
N ASP A 251 5.54 2.22 13.96
CA ASP A 251 4.65 3.05 13.14
C ASP A 251 5.38 3.58 11.91
N LEU A 252 6.65 3.93 12.06
CA LEU A 252 7.41 4.41 10.91
C LEU A 252 7.61 3.31 9.87
N MET A 253 7.88 2.08 10.33
CA MET A 253 7.99 0.95 9.40
C MET A 253 6.73 0.80 8.58
N ASN A 254 5.57 0.84 9.22
CA ASN A 254 4.32 0.72 8.48
C ASN A 254 4.13 1.88 7.50
N LEU A 255 4.63 3.06 7.82
CA LEU A 255 4.55 4.15 6.85
C LEU A 255 5.49 3.88 5.67
N CYS A 256 6.66 3.29 5.93
CA CYS A 256 7.54 2.90 4.83
C CYS A 256 6.86 1.85 3.94
N TRP A 257 6.03 1.00 4.53
CA TRP A 257 5.29 -0.03 3.79
C TRP A 257 3.97 0.47 3.28
N THR A 258 3.91 1.73 2.85
CA THR A 258 2.74 2.26 2.17
C THR A 258 2.63 1.62 0.80
N TYR A 259 1.48 0.99 0.52
CA TYR A 259 1.31 0.35 -0.79
C TYR A 259 1.49 1.35 -1.94
N ASP A 260 0.87 2.51 -1.85
CA ASP A 260 0.87 3.45 -2.98
C ASP A 260 2.16 4.24 -3.02
N VAL A 261 2.85 4.19 -4.17
CA VAL A 261 4.15 4.87 -4.31
C VAL A 261 4.01 6.35 -4.00
N GLU A 262 2.95 7.00 -4.50
CA GLU A 262 2.85 8.44 -4.35
C GLU A 262 2.59 8.86 -2.91
N ASN A 263 1.91 8.01 -2.14
CA ASN A 263 1.63 8.28 -0.73
C ASN A 263 2.80 7.91 0.18
N ARG A 264 3.68 7.01 -0.25
CA ARG A 264 4.79 6.60 0.60
C ARG A 264 5.75 7.79 0.79
N PRO A 265 6.33 7.96 1.95
CA PRO A 265 7.30 9.05 2.13
C PRO A 265 8.60 8.83 1.36
N GLY A 266 9.25 9.94 1.00
CA GLY A 266 10.64 9.92 0.57
C GLY A 266 11.62 9.89 1.75
N PHE A 267 12.91 9.89 1.42
CA PHE A 267 13.91 9.83 2.48
C PHE A 267 14.04 11.15 3.22
N ALA A 268 13.71 12.29 2.59
CA ALA A 268 13.67 13.54 3.36
C ALA A 268 12.71 13.41 4.54
N ALA A 269 11.47 13.01 4.29
CA ALA A 269 10.49 12.89 5.35
C ALA A 269 10.90 11.81 6.36
N VAL A 270 11.44 10.69 5.86
CA VAL A 270 11.84 9.59 6.75
C VAL A 270 12.96 10.03 7.69
N GLU A 271 14.00 10.66 7.13
CA GLU A 271 15.11 11.13 7.94
C GLU A 271 14.63 12.08 9.04
N LEU A 272 13.77 13.04 8.68
CA LEU A 272 13.25 13.99 9.67
C LEU A 272 12.49 13.28 10.79
N ARG A 273 11.67 12.30 10.44
CA ARG A 273 10.94 11.54 11.45
C ARG A 273 11.90 10.84 12.42
N LEU A 274 12.97 10.22 11.89
CA LEU A 274 13.94 9.58 12.76
C LEU A 274 14.70 10.62 13.60
N ARG A 275 15.07 11.75 13.00
CA ARG A 275 15.77 12.77 13.76
C ARG A 275 14.90 13.31 14.89
N ASN A 276 13.61 13.55 14.63
CA ASN A 276 12.72 14.06 15.67
C ASN A 276 12.52 13.03 16.78
N TYR A 277 12.40 11.75 16.42
CA TYR A 277 12.13 10.75 17.45
C TYR A 277 13.37 10.45 18.28
N TYR A 278 14.56 10.47 17.68
CA TYR A 278 15.79 10.32 18.46
C TYR A 278 15.93 11.46 19.47
N TYR A 279 15.63 12.68 19.03
CA TYR A 279 15.66 13.83 19.92
C TYR A 279 14.71 13.63 21.10
N ASP A 280 13.54 13.02 20.86
CA ASP A 280 12.59 12.74 21.93
C ASP A 280 13.10 11.70 22.90
N VAL A 281 13.84 10.70 22.42
CA VAL A 281 14.29 9.62 23.29
C VAL A 281 15.40 10.09 24.22
N LEU B 13 -12.66 -2.66 19.94
CA LEU B 13 -11.22 -2.71 19.69
C LEU B 13 -10.42 -1.92 20.74
N ASP B 14 -9.15 -2.27 20.84
CA ASP B 14 -8.22 -1.62 21.76
C ASP B 14 -7.51 -0.48 21.03
N ARG B 15 -7.78 0.76 21.44
CA ARG B 15 -7.10 1.91 20.82
C ARG B 15 -5.57 1.79 20.89
N LYS B 16 -5.03 1.04 21.86
CA LYS B 16 -3.59 0.87 21.93
C LYS B 16 -3.04 0.05 20.77
N LEU B 17 -3.87 -0.77 20.14
CA LEU B 17 -3.46 -1.61 19.03
C LEU B 17 -3.74 -0.97 17.68
N LEU B 18 -4.24 0.27 17.67
CA LEU B 18 -4.56 0.99 16.44
C LEU B 18 -3.60 2.15 16.28
N THR B 19 -2.96 2.24 15.11
CA THR B 19 -2.20 3.42 14.75
C THR B 19 -2.90 4.11 13.60
N LEU B 20 -3.09 5.42 13.72
CA LEU B 20 -3.71 6.23 12.68
C LEU B 20 -2.71 7.16 12.04
N GLU B 21 -2.75 7.25 10.70
CA GLU B 21 -1.95 8.23 9.97
C GLU B 21 -2.61 9.60 10.06
N ASP B 22 -1.79 10.64 10.26
CA ASP B 22 -2.34 11.97 10.48
C ASP B 22 -3.15 12.46 9.28
N LYS B 23 -2.55 12.42 8.08
CA LYS B 23 -3.18 12.93 6.87
C LYS B 23 -4.39 12.06 6.51
N GLU B 24 -5.58 12.64 6.60
CA GLU B 24 -6.80 11.89 6.31
C GLU B 24 -6.80 11.40 4.86
N LEU B 25 -7.56 10.35 4.61
CA LEU B 25 -7.81 9.94 3.24
C LEU B 25 -8.87 10.82 2.58
N GLY B 26 -9.71 11.45 3.38
CA GLY B 26 -10.81 12.25 2.90
C GLY B 26 -11.73 12.57 4.05
N SER B 27 -12.77 13.34 3.73
CA SER B 27 -13.75 13.73 4.73
C SER B 27 -15.15 13.67 4.12
N GLY B 28 -16.14 13.74 5.01
CA GLY B 28 -17.54 13.80 4.62
C GLY B 28 -18.35 14.58 5.64
N ASN B 29 -19.68 14.49 5.57
CA ASN B 29 -20.53 15.16 6.55
C ASN B 29 -20.29 14.60 7.95
N PHE B 30 -19.88 13.34 8.05
CA PHE B 30 -19.73 12.66 9.33
C PHE B 30 -18.41 12.98 10.03
N GLY B 31 -17.43 13.50 9.32
CA GLY B 31 -16.09 13.55 9.85
C GLY B 31 -15.07 13.11 8.82
N THR B 32 -14.14 12.23 9.19
CA THR B 32 -13.01 11.93 8.33
C THR B 32 -12.82 10.42 8.16
N VAL B 33 -12.05 10.08 7.14
CA VAL B 33 -11.59 8.72 6.92
C VAL B 33 -10.06 8.75 6.93
N LYS B 34 -9.46 7.90 7.77
CA LYS B 34 -8.01 7.83 7.89
C LYS B 34 -7.52 6.42 7.63
N LYS B 35 -6.30 6.34 7.11
CA LYS B 35 -5.63 5.07 6.99
C LYS B 35 -5.03 4.71 8.33
N GLY B 36 -5.00 3.41 8.63
CA GLY B 36 -4.42 2.98 9.89
C GLY B 36 -3.88 1.57 9.79
N TYR B 37 -3.32 1.12 10.90
CA TYR B 37 -2.74 -0.21 11.02
C TYR B 37 -3.23 -0.78 12.33
N TYR B 38 -3.82 -1.98 12.28
CA TYR B 38 -4.36 -2.63 13.47
C TYR B 38 -3.64 -3.95 13.73
N GLN B 39 -3.13 -4.11 14.94
CA GLN B 39 -2.44 -5.34 15.30
C GLN B 39 -3.45 -6.47 15.49
N MET B 40 -3.32 -7.53 14.70
CA MET B 40 -4.21 -8.67 14.70
C MET B 40 -3.60 -9.80 15.54
N LYS B 41 -4.03 -11.04 15.28
CA LYS B 41 -3.52 -12.18 16.03
C LYS B 41 -2.00 -12.18 16.05
N LYS B 42 -1.36 -11.99 14.89
CA LYS B 42 0.10 -11.94 14.83
C LYS B 42 0.59 -10.84 13.90
N VAL B 43 -0.01 -10.74 12.71
CA VAL B 43 0.37 -9.70 11.76
C VAL B 43 -0.37 -8.42 12.10
N VAL B 44 0.00 -7.34 11.42
CA VAL B 44 -0.78 -6.11 11.45
C VAL B 44 -1.56 -6.00 10.16
N LYS B 45 -2.76 -5.43 10.23
CA LYS B 45 -3.67 -5.38 9.09
C LYS B 45 -3.92 -3.93 8.74
N THR B 46 -3.84 -3.59 7.46
CA THR B 46 -4.11 -2.22 7.05
C THR B 46 -5.62 -1.95 7.10
N VAL B 47 -6.00 -0.85 7.77
CA VAL B 47 -7.42 -0.54 7.96
C VAL B 47 -7.72 0.87 7.45
N ALA B 48 -8.99 1.06 7.12
CA ALA B 48 -9.57 2.36 6.81
C ALA B 48 -10.54 2.65 7.95
N VAL B 49 -10.44 3.84 8.52
CA VAL B 49 -11.10 4.17 9.78
C VAL B 49 -11.99 5.37 9.56
N LYS B 50 -13.28 5.18 9.74
CA LYS B 50 -14.25 6.27 9.73
C LYS B 50 -14.30 6.91 11.11
N ILE B 51 -14.02 8.21 11.19
CA ILE B 51 -13.88 8.91 12.46
C ILE B 51 -14.91 10.03 12.54
N LEU B 52 -15.71 10.02 13.61
CA LEU B 52 -16.76 11.01 13.76
C LEU B 52 -16.19 12.35 14.20
N LYS B 53 -16.63 13.43 13.56
CA LYS B 53 -16.18 14.78 13.88
C LYS B 53 -16.61 15.19 15.29
N ASN B 54 -15.87 16.15 15.84
CA ASN B 54 -16.23 16.86 17.07
C ASN B 54 -16.53 15.88 18.21
N GLU B 55 -15.60 14.93 18.41
CA GLU B 55 -15.70 13.93 19.48
C GLU B 55 -17.03 13.18 19.47
N ALA B 56 -17.67 13.10 18.31
CA ALA B 56 -18.97 12.45 18.14
C ALA B 56 -20.03 13.07 19.07
N ASN B 57 -20.07 14.41 19.12
CA ASN B 57 -21.08 15.06 19.93
C ASN B 57 -22.46 14.99 19.30
N ASP B 58 -22.53 14.90 17.97
CA ASP B 58 -23.81 14.79 17.27
C ASP B 58 -24.45 13.43 17.53
N PRO B 59 -25.62 13.37 18.18
CA PRO B 59 -26.24 12.05 18.42
C PRO B 59 -26.65 11.34 17.14
N ALA B 60 -27.01 12.08 16.09
CA ALA B 60 -27.38 11.44 14.84
C ALA B 60 -26.19 10.73 14.21
N LEU B 61 -24.99 11.29 14.37
CA LEU B 61 -23.78 10.66 13.84
C LEU B 61 -23.41 9.42 14.65
N LYS B 62 -23.52 9.50 15.97
CA LYS B 62 -23.24 8.34 16.83
C LYS B 62 -24.21 7.21 16.55
N ASP B 63 -25.49 7.51 16.44
CA ASP B 63 -26.49 6.48 16.14
C ASP B 63 -26.28 5.89 14.75
N GLU B 64 -25.87 6.71 13.77
CA GLU B 64 -25.60 6.18 12.43
C GLU B 64 -24.41 5.22 12.45
N LEU B 65 -23.37 5.54 13.23
CA LEU B 65 -22.19 4.67 13.28
C LEU B 65 -22.52 3.33 13.92
N LEU B 66 -23.31 3.33 15.00
CA LEU B 66 -23.62 2.07 15.67
C LEU B 66 -24.57 1.20 14.84
N ALA B 67 -25.48 1.83 14.10
CA ALA B 67 -26.34 1.06 13.19
C ALA B 67 -25.53 0.48 12.05
N GLU B 68 -24.72 1.33 11.42
CA GLU B 68 -23.73 0.91 10.42
C GLU B 68 -22.96 -0.32 10.88
N ALA B 69 -22.43 -0.28 12.11
CA ALA B 69 -21.63 -1.41 12.60
C ALA B 69 -22.50 -2.63 12.88
N ASN B 70 -23.70 -2.41 13.41
CA ASN B 70 -24.62 -3.53 13.66
C ASN B 70 -24.95 -4.28 12.36
N VAL B 71 -25.05 -3.55 11.24
CA VAL B 71 -25.32 -4.20 9.97
C VAL B 71 -24.08 -4.94 9.49
N MET B 72 -22.93 -4.28 9.53
CA MET B 72 -21.72 -4.87 8.97
C MET B 72 -21.31 -6.14 9.72
N GLN B 73 -21.52 -6.15 11.04
CA GLN B 73 -21.20 -7.34 11.83
C GLN B 73 -21.98 -8.58 11.37
N GLN B 74 -23.12 -8.40 10.72
CA GLN B 74 -23.95 -9.50 10.24
C GLN B 74 -23.59 -9.99 8.85
N LEU B 75 -22.83 -9.23 8.07
CA LEU B 75 -22.60 -9.54 6.67
C LEU B 75 -21.25 -10.23 6.48
N ASP B 76 -21.24 -11.18 5.54
CA ASP B 76 -20.05 -12.00 5.28
C ASP B 76 -20.13 -12.37 3.79
N ASN B 77 -19.48 -11.55 2.96
CA ASN B 77 -19.55 -11.76 1.53
C ASN B 77 -18.31 -11.11 0.96
N PRO B 78 -17.67 -11.72 -0.05
CA PRO B 78 -16.43 -11.15 -0.61
C PRO B 78 -16.61 -9.80 -1.29
N TYR B 79 -17.84 -9.39 -1.61
CA TYR B 79 -18.02 -8.12 -2.29
C TYR B 79 -18.66 -7.07 -1.38
N ILE B 80 -18.51 -7.25 -0.08
CA ILE B 80 -18.93 -6.28 0.94
C ILE B 80 -17.73 -5.99 1.83
N VAL B 81 -17.50 -4.71 2.13
CA VAL B 81 -16.38 -4.36 3.01
C VAL B 81 -16.58 -5.01 4.37
N ARG B 82 -15.49 -5.59 4.88
CA ARG B 82 -15.46 -6.28 6.15
C ARG B 82 -15.15 -5.29 7.26
N MET B 83 -15.93 -5.33 8.35
CA MET B 83 -15.65 -4.48 9.50
C MET B 83 -14.77 -5.21 10.49
N ILE B 84 -13.70 -4.56 10.94
CA ILE B 84 -12.88 -5.13 12.01
C ILE B 84 -13.53 -4.89 13.37
N GLY B 85 -13.96 -3.65 13.63
CA GLY B 85 -14.58 -3.33 14.91
C GLY B 85 -14.82 -1.84 15.04
N ILE B 86 -15.29 -1.47 16.24
CA ILE B 86 -15.55 -0.08 16.59
C ILE B 86 -14.56 0.28 17.70
N CYS B 87 -14.09 1.52 17.68
CA CYS B 87 -13.15 1.98 18.70
C CYS B 87 -13.69 3.27 19.30
N GLU B 88 -13.88 3.27 20.62
CA GLU B 88 -14.32 4.46 21.36
C GLU B 88 -13.11 5.08 22.04
N ALA B 89 -12.55 6.13 21.43
CA ALA B 89 -11.38 6.79 21.97
C ALA B 89 -11.55 8.30 21.94
N GLU B 90 -10.63 9.01 21.29
CA GLU B 90 -10.76 10.46 21.17
C GLU B 90 -12.05 10.83 20.44
N SER B 91 -12.51 9.98 19.53
CA SER B 91 -13.86 10.05 19.02
C SER B 91 -14.29 8.61 18.74
N TRP B 92 -15.52 8.44 18.27
CA TRP B 92 -15.96 7.11 17.88
C TRP B 92 -15.43 6.79 16.49
N MET B 93 -14.96 5.56 16.30
CA MET B 93 -14.31 5.15 15.06
C MET B 93 -14.85 3.80 14.60
N LEU B 94 -14.98 3.65 13.29
CA LEU B 94 -15.40 2.41 12.67
C LEU B 94 -14.22 1.87 11.87
N VAL B 95 -13.69 0.71 12.26
CA VAL B 95 -12.44 0.18 11.71
C VAL B 95 -12.78 -0.91 10.70
N MET B 96 -12.36 -0.72 9.46
CA MET B 96 -12.68 -1.63 8.37
C MET B 96 -11.42 -2.13 7.69
N GLU B 97 -11.51 -3.31 7.06
CA GLU B 97 -10.43 -3.75 6.19
C GLU B 97 -10.25 -2.73 5.07
N MET B 98 -9.01 -2.33 4.83
CA MET B 98 -8.70 -1.31 3.84
C MET B 98 -8.93 -1.83 2.43
N ALA B 99 -9.70 -1.08 1.65
CA ALA B 99 -9.79 -1.28 0.21
C ALA B 99 -8.93 -0.18 -0.42
N GLU B 100 -7.77 -0.57 -0.95
CA GLU B 100 -6.66 0.34 -1.15
C GLU B 100 -6.99 1.48 -2.12
N LEU B 101 -7.70 1.19 -3.20
CA LEU B 101 -7.85 2.20 -4.25
C LEU B 101 -8.94 3.25 -3.98
N GLY B 102 -9.81 3.05 -2.99
CA GLY B 102 -10.74 4.09 -2.61
C GLY B 102 -12.05 4.05 -3.38
N PRO B 103 -12.88 5.08 -3.19
CA PRO B 103 -14.21 5.09 -3.81
C PRO B 103 -14.19 4.96 -5.33
N LEU B 104 -15.24 4.32 -5.84
CA LEU B 104 -15.31 4.02 -7.27
C LEU B 104 -15.40 5.28 -8.12
N ASN B 105 -16.16 6.28 -7.67
CA ASN B 105 -16.37 7.44 -8.54
C ASN B 105 -15.07 8.24 -8.69
N LYS B 106 -14.37 8.49 -7.58
CA LYS B 106 -13.13 9.26 -7.66
C LYS B 106 -12.06 8.51 -8.44
N TYR B 107 -12.05 7.19 -8.35
CA TYR B 107 -11.07 6.40 -9.10
C TYR B 107 -11.29 6.52 -10.60
N LEU B 108 -12.52 6.33 -11.06
CA LEU B 108 -12.77 6.42 -12.51
C LEU B 108 -12.55 7.84 -13.03
N GLN B 109 -12.83 8.85 -12.20
CA GLN B 109 -12.56 10.23 -12.58
C GLN B 109 -11.08 10.45 -12.91
N GLN B 110 -10.20 9.77 -12.20
CA GLN B 110 -8.76 9.95 -12.35
C GLN B 110 -8.13 8.88 -13.24
N ASN B 111 -8.95 8.03 -13.86
CA ASN B 111 -8.47 6.86 -14.60
C ASN B 111 -9.42 6.61 -15.78
N ARG B 112 -9.50 7.61 -16.68
CA ARG B 112 -10.40 7.52 -17.83
C ARG B 112 -10.01 6.41 -18.80
N HIS B 113 -8.80 5.86 -18.66
CA HIS B 113 -8.32 4.78 -19.51
C HIS B 113 -8.99 3.45 -19.20
N VAL B 114 -9.64 3.32 -18.03
CA VAL B 114 -10.25 2.06 -17.66
C VAL B 114 -11.22 1.62 -18.74
N LYS B 115 -11.16 0.34 -19.11
CA LYS B 115 -11.87 -0.20 -20.26
C LYS B 115 -13.30 -0.61 -19.86
N ASP B 116 -14.20 -0.66 -20.85
CA ASP B 116 -15.59 -0.97 -20.55
C ASP B 116 -15.75 -2.39 -20.02
N LYS B 117 -15.01 -3.34 -20.60
CA LYS B 117 -15.02 -4.70 -20.06
C LYS B 117 -14.68 -4.68 -18.57
N ASN B 118 -13.72 -3.83 -18.20
CA ASN B 118 -13.30 -3.69 -16.81
C ASN B 118 -14.43 -3.13 -15.95
N ILE B 119 -15.11 -2.11 -16.46
CA ILE B 119 -16.23 -1.52 -15.73
C ILE B 119 -17.36 -2.52 -15.59
N ILE B 120 -17.66 -3.28 -16.66
CA ILE B 120 -18.65 -4.34 -16.56
C ILE B 120 -18.32 -5.29 -15.42
N GLU B 121 -17.05 -5.69 -15.33
CA GLU B 121 -16.61 -6.58 -14.26
C GLU B 121 -16.87 -5.95 -12.89
N LEU B 122 -16.60 -4.65 -12.76
CA LEU B 122 -16.73 -4.02 -11.45
C LEU B 122 -18.20 -3.89 -11.04
N VAL B 123 -19.08 -3.49 -11.96
CA VAL B 123 -20.49 -3.38 -11.56
C VAL B 123 -21.12 -4.74 -11.38
N HIS B 124 -20.62 -5.77 -12.10
CA HIS B 124 -21.11 -7.12 -11.85
C HIS B 124 -20.77 -7.58 -10.45
N GLN B 125 -19.58 -7.23 -9.95
CA GLN B 125 -19.24 -7.59 -8.58
C GLN B 125 -20.14 -6.88 -7.58
N VAL B 126 -20.47 -5.61 -7.84
CA VAL B 126 -21.45 -4.93 -7.00
C VAL B 126 -22.79 -5.66 -7.04
N SER B 127 -23.21 -6.14 -8.23
CA SER B 127 -24.49 -6.83 -8.30
C SER B 127 -24.45 -8.15 -7.52
N MET B 128 -23.28 -8.78 -7.43
CA MET B 128 -23.17 -9.99 -6.61
C MET B 128 -23.23 -9.67 -5.13
N GLY B 129 -22.55 -8.62 -4.68
CA GLY B 129 -22.74 -8.17 -3.32
C GLY B 129 -24.20 -7.87 -3.00
N MET B 130 -24.88 -7.17 -3.93
CA MET B 130 -26.28 -6.80 -3.69
C MET B 130 -27.22 -8.00 -3.78
N LYS B 131 -26.90 -8.98 -4.61
CA LYS B 131 -27.70 -10.21 -4.61
C LYS B 131 -27.61 -10.89 -3.25
N TYR B 132 -26.41 -10.88 -2.66
CA TYR B 132 -26.23 -11.41 -1.30
C TYR B 132 -27.05 -10.61 -0.28
N LEU B 133 -26.98 -9.28 -0.36
CA LEU B 133 -27.80 -8.44 0.54
C LEU B 133 -29.28 -8.72 0.34
N GLU B 134 -29.70 -8.85 -0.92
CA GLU B 134 -31.10 -9.13 -1.23
C GLU B 134 -31.54 -10.47 -0.63
N GLU B 135 -30.79 -11.55 -0.90
CA GLU B 135 -31.17 -12.85 -0.34
C GLU B 135 -31.10 -12.82 1.18
N SER B 136 -30.25 -11.97 1.73
CA SER B 136 -30.19 -11.73 3.17
C SER B 136 -31.30 -10.82 3.67
N ASN B 137 -32.10 -10.25 2.78
CA ASN B 137 -33.19 -9.34 3.13
C ASN B 137 -32.70 -8.16 3.95
N PHE B 138 -31.59 -7.55 3.50
CA PHE B 138 -31.18 -6.23 3.93
C PHE B 138 -31.38 -5.27 2.75
N VAL B 139 -31.85 -4.06 3.01
CA VAL B 139 -31.85 -3.02 1.98
C VAL B 139 -30.69 -2.07 2.27
N HIS B 140 -29.95 -1.70 1.22
CA HIS B 140 -28.80 -0.82 1.42
C HIS B 140 -29.24 0.62 1.65
N ARG B 141 -30.06 1.16 0.75
CA ARG B 141 -30.67 2.49 0.77
C ARG B 141 -29.70 3.62 0.47
N ASP B 142 -28.45 3.32 0.12
CA ASP B 142 -27.51 4.36 -0.29
C ASP B 142 -26.54 3.78 -1.32
N LEU B 143 -27.06 3.07 -2.33
CA LEU B 143 -26.20 2.42 -3.30
C LEU B 143 -25.81 3.40 -4.41
N ALA B 144 -24.63 3.98 -4.30
CA ALA B 144 -24.13 4.94 -5.27
C ALA B 144 -22.67 4.62 -5.53
N ALA B 145 -22.13 5.14 -6.64
CA ALA B 145 -20.74 4.84 -6.98
C ALA B 145 -19.78 5.22 -5.86
N ARG B 146 -20.08 6.28 -5.11
CA ARG B 146 -19.18 6.73 -4.04
C ARG B 146 -19.11 5.74 -2.89
N ASN B 147 -20.08 4.85 -2.80
CA ASN B 147 -20.12 3.84 -1.75
C ASN B 147 -19.63 2.48 -2.22
N VAL B 148 -18.98 2.44 -3.38
CA VAL B 148 -18.30 1.24 -3.87
C VAL B 148 -16.80 1.47 -3.70
N LEU B 149 -16.11 0.52 -3.08
CA LEU B 149 -14.69 0.66 -2.82
C LEU B 149 -13.92 -0.39 -3.61
N LEU B 150 -12.76 0.02 -4.14
CA LEU B 150 -11.94 -0.81 -5.01
C LEU B 150 -10.78 -1.38 -4.21
N VAL B 151 -10.69 -2.70 -4.16
CA VAL B 151 -9.54 -3.38 -3.58
C VAL B 151 -8.39 -3.39 -4.57
N THR B 152 -8.68 -3.80 -5.82
CA THR B 152 -7.80 -3.64 -6.96
C THR B 152 -8.64 -3.00 -8.06
N GLN B 153 -8.01 -2.75 -9.22
CA GLN B 153 -8.81 -2.27 -10.34
C GLN B 153 -9.83 -3.30 -10.82
N HIS B 154 -9.73 -4.55 -10.34
CA HIS B 154 -10.57 -5.66 -10.77
C HIS B 154 -11.35 -6.26 -9.61
N TYR B 155 -11.49 -5.56 -8.49
CA TYR B 155 -12.16 -6.13 -7.33
C TYR B 155 -12.85 -4.99 -6.59
N ALA B 156 -14.19 -4.98 -6.62
CA ALA B 156 -14.98 -3.95 -5.96
C ALA B 156 -15.74 -4.53 -4.77
N LYS B 157 -16.02 -3.67 -3.79
CA LYS B 157 -16.75 -4.04 -2.58
C LYS B 157 -17.71 -2.91 -2.23
N ILE B 158 -18.87 -3.27 -1.68
CA ILE B 158 -19.85 -2.29 -1.20
C ILE B 158 -19.52 -1.91 0.23
N SER B 159 -19.68 -0.62 0.54
CA SER B 159 -19.54 -0.17 1.93
C SER B 159 -20.68 0.80 2.24
N ASP B 160 -20.57 1.52 3.35
CA ASP B 160 -21.49 2.60 3.76
C ASP B 160 -22.90 2.11 4.06
N PHE B 161 -23.04 1.36 5.15
CA PHE B 161 -24.31 0.80 5.56
C PHE B 161 -25.03 1.66 6.58
N GLY B 162 -24.74 2.97 6.62
CA GLY B 162 -25.37 3.85 7.59
C GLY B 162 -26.88 3.96 7.46
N LEU B 163 -27.42 3.77 6.26
CA LEU B 163 -28.87 3.81 6.04
C LEU B 163 -29.51 2.44 5.93
N SER B 164 -28.74 1.35 6.00
CA SER B 164 -29.25 0.04 5.68
C SER B 164 -30.19 -0.46 6.77
N LYS B 165 -31.09 -1.36 6.41
CA LYS B 165 -32.13 -1.85 7.30
C LYS B 165 -32.30 -3.35 7.08
N ALA B 166 -32.42 -4.10 8.16
CA ALA B 166 -32.83 -5.50 8.05
C ALA B 166 -34.35 -5.55 7.88
N LEU B 167 -34.81 -6.25 6.85
CA LEU B 167 -36.23 -6.24 6.54
C LEU B 167 -37.01 -7.07 7.56
N ARG B 168 -38.24 -6.62 7.85
CA ARG B 168 -39.17 -7.40 8.64
C ARG B 168 -39.47 -8.75 8.00
N ALA B 169 -39.79 -9.74 8.83
CA ALA B 169 -40.07 -11.07 8.29
C ALA B 169 -41.31 -11.09 7.39
N ASP B 170 -42.26 -10.18 7.63
CA ASP B 170 -43.55 -10.24 6.95
C ASP B 170 -43.68 -9.23 5.80
N GLU B 171 -42.64 -8.48 5.47
CA GLU B 171 -42.72 -7.47 4.42
C GLU B 171 -41.43 -7.45 3.63
N ASN B 172 -41.51 -7.01 2.37
CA ASN B 172 -40.31 -6.93 1.56
C ASN B 172 -39.82 -5.49 1.38
N TYR B 173 -40.25 -4.58 2.25
CA TYR B 173 -39.83 -3.19 2.18
C TYR B 173 -39.77 -2.60 3.58
N TYR B 174 -38.90 -1.60 3.73
CA TYR B 174 -38.84 -0.73 4.90
C TYR B 174 -39.56 0.58 4.60
N LYS B 175 -40.38 1.02 5.53
CA LYS B 175 -41.09 2.28 5.39
C LYS B 175 -40.48 3.28 6.37
N ALA B 176 -39.90 4.35 5.84
CA ALA B 176 -39.14 5.31 6.66
C ALA B 176 -40.03 6.13 7.58
N PRO B 183 -30.40 11.40 -0.62
CA PRO B 183 -29.81 11.13 -1.93
C PRO B 183 -30.85 10.89 -3.03
N VAL B 184 -31.73 11.87 -3.20
CA VAL B 184 -32.92 11.77 -4.06
C VAL B 184 -32.56 11.28 -5.45
N LYS B 185 -31.39 11.66 -5.97
CA LYS B 185 -31.05 11.34 -7.35
C LYS B 185 -30.79 9.87 -7.56
N TRP B 186 -30.69 9.10 -6.48
CA TRP B 186 -30.51 7.66 -6.54
C TRP B 186 -31.77 6.90 -6.16
N TYR B 187 -32.84 7.61 -5.83
CA TYR B 187 -34.01 6.99 -5.21
C TYR B 187 -35.10 6.71 -6.23
N ALA B 188 -35.71 5.54 -6.09
CA ALA B 188 -36.79 5.12 -6.96
C ALA B 188 -38.06 5.90 -6.67
N PRO B 189 -39.03 5.88 -7.59
CA PRO B 189 -40.27 6.66 -7.38
C PRO B 189 -41.00 6.32 -6.10
N GLU B 190 -41.10 5.02 -5.78
CA GLU B 190 -41.80 4.63 -4.57
C GLU B 190 -41.08 5.09 -3.30
N CYS B 191 -39.76 5.33 -3.35
CA CYS B 191 -39.07 5.93 -2.21
C CYS B 191 -39.46 7.39 -2.06
N ILE B 192 -39.47 8.13 -3.16
CA ILE B 192 -39.84 9.55 -3.14
C ILE B 192 -41.31 9.70 -2.77
N ASN B 193 -42.18 8.92 -3.40
CA ASN B 193 -43.63 9.10 -3.24
C ASN B 193 -44.16 8.48 -1.96
N TYR B 194 -43.67 7.30 -1.57
CA TYR B 194 -44.25 6.56 -0.45
C TYR B 194 -43.29 6.23 0.67
N TYR B 195 -42.04 6.69 0.60
CA TYR B 195 -41.01 6.40 1.62
C TYR B 195 -40.83 4.89 1.82
N LYS B 196 -40.95 4.12 0.75
CA LYS B 196 -40.91 2.66 0.81
C LYS B 196 -39.65 2.14 0.12
N PHE B 197 -38.83 1.40 0.86
CA PHE B 197 -37.50 0.97 0.41
C PHE B 197 -37.41 -0.55 0.38
N SER B 198 -37.18 -1.10 -0.81
CA SER B 198 -37.10 -2.53 -1.00
C SER B 198 -35.79 -2.83 -1.69
N SER B 199 -35.50 -4.12 -1.85
CA SER B 199 -34.39 -4.50 -2.72
C SER B 199 -34.62 -3.99 -4.13
N LYS B 200 -35.88 -3.92 -4.58
CA LYS B 200 -36.16 -3.34 -5.90
C LYS B 200 -35.76 -1.88 -5.97
N SER B 201 -35.92 -1.13 -4.87
CA SER B 201 -35.48 0.25 -4.91
C SER B 201 -33.96 0.33 -4.92
N ASP B 202 -33.25 -0.62 -4.28
CA ASP B 202 -31.81 -0.71 -4.47
C ASP B 202 -31.45 -0.99 -5.94
N VAL B 203 -32.30 -1.72 -6.66
CA VAL B 203 -32.03 -2.00 -8.06
C VAL B 203 -32.12 -0.72 -8.88
N TRP B 204 -33.08 0.15 -8.56
CA TRP B 204 -33.13 1.44 -9.23
C TRP B 204 -31.83 2.22 -9.00
N SER B 205 -31.39 2.27 -7.74
CA SER B 205 -30.13 2.95 -7.42
C SER B 205 -28.96 2.34 -8.16
N PHE B 206 -28.94 1.02 -8.27
CA PHE B 206 -27.88 0.34 -9.00
C PHE B 206 -27.82 0.82 -10.45
N GLY B 207 -28.98 1.09 -11.06
CA GLY B 207 -28.98 1.64 -12.41
C GLY B 207 -28.28 2.98 -12.50
N VAL B 208 -28.56 3.86 -11.53
CA VAL B 208 -27.84 5.13 -11.44
C VAL B 208 -26.36 4.88 -11.20
N LEU B 209 -26.03 3.95 -10.29
CA LEU B 209 -24.63 3.61 -10.06
C LEU B 209 -23.95 3.10 -11.34
N MET B 210 -24.67 2.30 -12.14
CA MET B 210 -24.11 1.88 -13.43
C MET B 210 -23.88 3.08 -14.34
N TRP B 211 -24.85 3.99 -14.40
CA TRP B 211 -24.68 5.21 -15.19
C TRP B 211 -23.46 5.99 -14.74
N GLU B 212 -23.30 6.17 -13.42
CA GLU B 212 -22.10 6.86 -12.91
C GLU B 212 -20.83 6.17 -13.36
N ALA B 213 -20.78 4.84 -13.27
CA ALA B 213 -19.55 4.11 -13.56
C ALA B 213 -19.16 4.28 -15.02
N PHE B 214 -20.12 4.11 -15.94
CA PHE B 214 -19.82 4.26 -17.35
C PHE B 214 -19.65 5.70 -17.77
N SER B 215 -20.02 6.66 -16.91
CA SER B 215 -19.70 8.07 -17.11
C SER B 215 -18.41 8.49 -16.38
N TYR B 216 -17.61 7.51 -15.95
CA TYR B 216 -16.32 7.75 -15.28
C TYR B 216 -16.48 8.69 -14.09
N GLY B 217 -17.52 8.46 -13.31
CA GLY B 217 -17.68 9.16 -12.06
C GLY B 217 -18.34 10.51 -12.13
N GLN B 218 -19.01 10.83 -13.24
CA GLN B 218 -19.79 12.07 -13.28
C GLN B 218 -21.03 11.95 -12.40
N LYS B 219 -21.50 13.10 -11.90
CA LYS B 219 -22.68 13.04 -11.05
C LYS B 219 -23.95 12.91 -11.90
N PRO B 220 -24.92 12.14 -11.44
CA PRO B 220 -26.16 11.98 -12.21
C PRO B 220 -27.02 13.24 -12.12
N TYR B 221 -27.87 13.40 -13.12
CA TYR B 221 -28.79 14.53 -13.24
C TYR B 221 -28.07 15.86 -12.94
N ARG B 222 -26.97 16.06 -13.65
CA ARG B 222 -26.13 17.23 -13.42
C ARG B 222 -26.95 18.51 -13.52
N GLY B 223 -26.85 19.34 -12.47
CA GLY B 223 -27.43 20.65 -12.47
C GLY B 223 -28.93 20.73 -12.28
N MET B 224 -29.57 19.64 -11.85
CA MET B 224 -31.01 19.64 -11.62
C MET B 224 -31.30 19.56 -10.13
N LYS B 225 -32.35 20.25 -9.70
CA LYS B 225 -32.84 20.08 -8.34
C LYS B 225 -33.58 18.75 -8.21
N GLY B 226 -33.66 18.26 -6.97
CA GLY B 226 -34.39 17.03 -6.70
C GLY B 226 -35.80 17.05 -7.25
N SER B 227 -36.55 18.14 -6.98
CA SER B 227 -37.90 18.25 -7.53
C SER B 227 -37.89 18.13 -9.06
N GLU B 228 -36.84 18.62 -9.71
CA GLU B 228 -36.78 18.55 -11.16
C GLU B 228 -36.47 17.14 -11.65
N VAL B 229 -35.59 16.43 -10.94
CA VAL B 229 -35.37 15.00 -11.20
C VAL B 229 -36.68 14.24 -11.10
N THR B 230 -37.45 14.50 -10.04
CA THR B 230 -38.67 13.73 -9.79
C THR B 230 -39.67 13.92 -10.92
N ALA B 231 -39.91 15.18 -11.33
CA ALA B 231 -40.82 15.45 -12.44
C ALA B 231 -40.33 14.82 -13.74
N MET B 232 -39.02 14.88 -13.99
CA MET B 232 -38.47 14.25 -15.20
C MET B 232 -38.84 12.78 -15.26
N LEU B 233 -38.61 12.05 -14.15
CA LEU B 233 -38.88 10.62 -14.15
C LEU B 233 -40.38 10.33 -14.27
N GLU B 234 -41.22 11.17 -13.63
CA GLU B 234 -42.66 10.97 -13.72
C GLU B 234 -43.17 11.19 -15.14
N LYS B 235 -42.47 12.03 -15.93
CA LYS B 235 -42.79 12.17 -17.35
C LYS B 235 -42.31 11.01 -18.21
N GLY B 236 -41.61 10.03 -17.63
CA GLY B 236 -41.07 8.93 -18.42
C GLY B 236 -39.72 9.19 -19.07
N GLU B 237 -39.06 10.32 -18.76
CA GLU B 237 -37.73 10.56 -19.29
C GLU B 237 -36.68 9.98 -18.35
N ARG B 238 -35.51 9.70 -18.92
CA ARG B 238 -34.38 9.08 -18.23
C ARG B 238 -33.08 9.70 -18.74
N MET B 239 -32.03 9.58 -17.93
CA MET B 239 -30.71 10.03 -18.36
C MET B 239 -30.31 9.32 -19.65
N GLY B 240 -29.58 10.03 -20.52
CA GLY B 240 -29.16 9.45 -21.78
C GLY B 240 -27.96 8.53 -21.64
N CYS B 241 -27.56 7.96 -22.75
CA CYS B 241 -26.47 6.99 -22.75
C CYS B 241 -25.12 7.69 -22.59
N PRO B 242 -24.29 7.27 -21.64
CA PRO B 242 -22.95 7.88 -21.50
C PRO B 242 -22.09 7.61 -22.73
N ALA B 243 -21.18 8.55 -22.98
CA ALA B 243 -20.28 8.44 -24.14
C ALA B 243 -19.50 7.14 -24.06
N GLY B 244 -19.58 6.35 -25.13
CA GLY B 244 -18.86 5.09 -25.21
C GLY B 244 -19.42 3.97 -24.36
N CYS B 245 -20.61 4.12 -23.83
CA CYS B 245 -21.17 3.06 -23.00
C CYS B 245 -21.71 1.93 -23.88
N PRO B 246 -21.41 0.67 -23.58
CA PRO B 246 -21.97 -0.44 -24.36
C PRO B 246 -23.49 -0.38 -24.36
N ARG B 247 -24.09 -0.73 -25.49
CA ARG B 247 -25.53 -0.53 -25.63
C ARG B 247 -26.31 -1.42 -24.67
N GLU B 248 -25.91 -2.68 -24.55
CA GLU B 248 -26.59 -3.59 -23.63
C GLU B 248 -26.56 -3.08 -22.20
N MET B 249 -25.48 -2.38 -21.80
CA MET B 249 -25.41 -1.85 -20.45
C MET B 249 -26.34 -0.66 -20.27
N TYR B 250 -26.47 0.19 -21.29
CA TYR B 250 -27.45 1.27 -21.21
C TYR B 250 -28.87 0.72 -21.19
N ASP B 251 -29.14 -0.33 -21.98
CA ASP B 251 -30.44 -0.99 -21.91
C ASP B 251 -30.69 -1.55 -20.50
N LEU B 252 -29.66 -2.11 -19.88
CA LEU B 252 -29.86 -2.65 -18.53
C LEU B 252 -30.17 -1.53 -17.53
N MET B 253 -29.52 -0.37 -17.68
CA MET B 253 -29.84 0.77 -16.82
C MET B 253 -31.30 1.14 -16.93
N ASN B 254 -31.83 1.17 -18.15
CA ASN B 254 -33.24 1.52 -18.33
C ASN B 254 -34.15 0.48 -17.71
N LEU B 255 -33.77 -0.80 -17.76
CA LEU B 255 -34.54 -1.82 -17.06
C LEU B 255 -34.50 -1.60 -15.55
N CYS B 256 -33.35 -1.20 -15.02
CA CYS B 256 -33.27 -0.88 -13.59
C CYS B 256 -34.18 0.30 -13.26
N TRP B 257 -34.34 1.23 -14.19
CA TRP B 257 -35.21 2.39 -14.00
C TRP B 257 -36.64 2.10 -14.40
N THR B 258 -37.09 0.87 -14.23
CA THR B 258 -38.50 0.54 -14.43
C THR B 258 -39.34 1.25 -13.38
N TYR B 259 -40.32 2.02 -13.83
CA TYR B 259 -41.16 2.77 -12.89
C TYR B 259 -41.90 1.82 -11.94
N ASP B 260 -42.54 0.78 -12.47
CA ASP B 260 -43.37 -0.08 -11.64
C ASP B 260 -42.47 -1.03 -10.85
N VAL B 261 -42.57 -0.98 -9.52
CA VAL B 261 -41.66 -1.75 -8.68
C VAL B 261 -41.87 -3.24 -8.90
N GLU B 262 -43.10 -3.68 -9.18
CA GLU B 262 -43.34 -5.10 -9.41
C GLU B 262 -42.73 -5.59 -10.71
N ASN B 263 -42.67 -4.72 -11.72
CA ASN B 263 -42.10 -5.09 -13.01
C ASN B 263 -40.59 -4.91 -13.07
N ARG B 264 -40.00 -4.22 -12.11
CA ARG B 264 -38.55 -3.99 -12.12
C ARG B 264 -37.84 -5.29 -11.72
N PRO B 265 -36.69 -5.59 -12.31
CA PRO B 265 -35.98 -6.83 -11.93
C PRO B 265 -35.43 -6.76 -10.51
N GLY B 266 -35.28 -7.94 -9.89
CA GLY B 266 -34.46 -8.08 -8.71
C GLY B 266 -32.96 -8.26 -9.04
N PHE B 267 -32.15 -8.40 -7.99
CA PHE B 267 -30.72 -8.50 -8.23
C PHE B 267 -30.32 -9.88 -8.78
N ALA B 268 -31.12 -10.92 -8.52
CA ALA B 268 -30.86 -12.20 -9.20
C ALA B 268 -30.84 -12.01 -10.71
N ALA B 269 -31.89 -11.38 -11.25
CA ALA B 269 -31.98 -11.20 -12.70
C ALA B 269 -30.93 -10.22 -13.19
N VAL B 270 -30.65 -9.17 -12.41
CA VAL B 270 -29.65 -8.17 -12.81
C VAL B 270 -28.26 -8.79 -12.85
N GLU B 271 -27.90 -9.54 -11.79
CA GLU B 271 -26.62 -10.21 -11.78
C GLU B 271 -26.48 -11.14 -12.98
N LEU B 272 -27.55 -11.87 -13.32
CA LEU B 272 -27.51 -12.78 -14.46
C LEU B 272 -27.27 -12.03 -15.77
N ARG B 273 -27.98 -10.90 -15.97
CA ARG B 273 -27.78 -10.14 -17.20
C ARG B 273 -26.34 -9.66 -17.33
N LEU B 274 -25.74 -9.23 -16.21
CA LEU B 274 -24.37 -8.75 -16.26
C LEU B 274 -23.39 -9.88 -16.50
N ARG B 275 -23.64 -11.05 -15.89
CA ARG B 275 -22.77 -12.20 -16.12
C ARG B 275 -22.83 -12.63 -17.58
N ASN B 276 -24.05 -12.73 -18.14
CA ASN B 276 -24.16 -13.15 -19.53
C ASN B 276 -23.59 -12.11 -20.49
N TYR B 277 -23.70 -10.81 -20.16
CA TYR B 277 -23.12 -9.84 -21.09
C TYR B 277 -21.60 -9.78 -20.97
N TYR B 278 -21.06 -10.00 -19.78
CA TYR B 278 -19.60 -10.04 -19.63
C TYR B 278 -19.03 -11.23 -20.41
N TYR B 279 -19.70 -12.38 -20.32
CA TYR B 279 -19.25 -13.57 -21.03
C TYR B 279 -19.26 -13.36 -22.54
N ASP B 280 -20.13 -12.48 -23.05
CA ASP B 280 -20.15 -12.16 -24.47
C ASP B 280 -18.89 -11.44 -24.93
N VAL B 281 -18.03 -11.01 -24.01
CA VAL B 281 -16.65 -10.67 -24.35
C VAL B 281 -15.73 -11.40 -23.39
#